data_1N2D
#
_entry.id   1N2D
#
_cell.length_a   80.017
_cell.length_b   64.240
_cell.length_c   72.785
_cell.angle_alpha   90.00
_cell.angle_beta   90.00
_cell.angle_gamma   90.00
#
_symmetry.space_group_name_H-M   'P 21 21 2'
#
loop_
_entity.id
_entity.type
_entity.pdbx_description
1 polymer 'Myosin Light Chain'
2 polymer 'IQ2 AND IQ3 MOTIFS FROM MYO2P, A CLASS V MYOSIN'
3 water water
#
loop_
_entity_poly.entity_id
_entity_poly.type
_entity_poly.pdbx_seq_one_letter_code
_entity_poly.pdbx_strand_id
1 'polypeptide(L)'
;SATRANKDIFTLFDKKGQGAIAKDSLGDYLRAIGYNPTNQLVQDIINADSSLRDASSLTLDQITGLIEVNEKELDATTKA
KTEDFVKAFQVFDKESTGKVSVGDLRYMLTGLGEKLTDAEVDELLKGVEVDSNGEIDYKKFIEDVLRQ
;
A,B
2 'polypeptide(L)' QISQAIKYLQNNIKGFIIRQRVNDEMKVNCATLLQAAYRGHSIRANVF C
#
# COMPACT_ATOMS: atom_id res chain seq x y z
N ALA A 2 -2.04 7.06 16.50
CA ALA A 2 -3.02 6.31 17.28
C ALA A 2 -4.25 6.02 16.44
N THR A 3 -5.30 6.80 16.62
CA THR A 3 -6.53 6.59 15.88
C THR A 3 -6.44 7.03 14.43
N ARG A 4 -5.81 8.18 14.17
CA ARG A 4 -5.71 8.67 12.79
C ARG A 4 -5.03 7.63 11.91
N ALA A 5 -3.89 7.13 12.36
CA ALA A 5 -3.15 6.12 11.62
C ALA A 5 -3.95 4.83 11.52
N ASN A 6 -4.58 4.43 12.63
CA ASN A 6 -5.39 3.22 12.63
C ASN A 6 -6.67 3.40 11.83
N LYS A 7 -7.13 4.64 11.73
CA LYS A 7 -8.35 4.92 10.98
C LYS A 7 -8.01 4.75 9.49
N ASP A 8 -6.84 5.24 9.09
CA ASP A 8 -6.40 5.14 7.71
C ASP A 8 -6.12 3.68 7.35
N ILE A 9 -5.68 2.89 8.33
CA ILE A 9 -5.43 1.49 8.07
C ILE A 9 -6.79 0.85 7.86
N PHE A 10 -7.77 1.24 8.69
CA PHE A 10 -9.11 0.71 8.55
C PHE A 10 -9.63 1.04 7.16
N THR A 11 -9.48 2.30 6.75
CA THR A 11 -9.95 2.71 5.44
C THR A 11 -9.33 1.84 4.37
N LEU A 12 -8.05 1.54 4.53
CA LEU A 12 -7.33 0.69 3.59
C LEU A 12 -7.95 -0.71 3.50
N PHE A 13 -8.41 -1.23 4.64
CA PHE A 13 -9.04 -2.56 4.66
C PHE A 13 -10.45 -2.52 4.07
N ASP A 14 -11.13 -1.39 4.28
CA ASP A 14 -12.50 -1.21 3.81
C ASP A 14 -12.49 -0.95 2.31
N LYS A 15 -12.25 -2.01 1.54
CA LYS A 15 -12.18 -1.94 0.09
C LYS A 15 -13.45 -1.40 -0.58
N LYS A 16 -14.60 -1.83 -0.07
CA LYS A 16 -15.88 -1.41 -0.62
C LYS A 16 -16.31 -0.04 -0.11
N GLY A 17 -15.50 0.55 0.75
CA GLY A 17 -15.84 1.86 1.30
C GLY A 17 -17.25 1.85 1.86
N GLN A 18 -17.57 0.80 2.62
CA GLN A 18 -18.88 0.66 3.21
C GLN A 18 -18.89 1.02 4.69
N GLY A 19 -17.74 1.43 5.21
CA GLY A 19 -17.66 1.80 6.61
C GLY A 19 -17.52 0.58 7.51
N ALA A 20 -17.31 -0.58 6.89
CA ALA A 20 -17.16 -1.81 7.64
C ALA A 20 -16.31 -2.81 6.85
N ILE A 21 -15.54 -3.62 7.56
CA ILE A 21 -14.69 -4.63 6.91
C ILE A 21 -15.19 -6.02 7.25
N ALA A 22 -14.92 -6.99 6.38
CA ALA A 22 -15.35 -8.37 6.60
C ALA A 22 -14.79 -8.88 7.92
N LYS A 23 -15.65 -9.50 8.72
CA LYS A 23 -15.28 -10.02 10.02
C LYS A 23 -14.03 -10.91 9.95
N ASP A 24 -13.90 -11.64 8.85
CA ASP A 24 -12.76 -12.53 8.63
C ASP A 24 -11.42 -11.80 8.50
N SER A 25 -11.46 -10.47 8.36
CA SER A 25 -10.22 -9.70 8.25
C SER A 25 -9.83 -9.10 9.60
N LEU A 26 -10.60 -9.38 10.64
CA LEU A 26 -10.32 -8.80 11.95
C LEU A 26 -8.90 -9.04 12.47
N GLY A 27 -8.45 -10.29 12.42
CA GLY A 27 -7.13 -10.62 12.90
C GLY A 27 -6.04 -9.86 12.17
N ASP A 28 -6.20 -9.72 10.86
CA ASP A 28 -5.21 -9.01 10.06
C ASP A 28 -5.21 -7.52 10.36
N TYR A 29 -6.38 -6.97 10.67
CA TYR A 29 -6.45 -5.56 11.03
C TYR A 29 -5.73 -5.36 12.36
N LEU A 30 -5.93 -6.29 13.30
CA LEU A 30 -5.27 -6.19 14.60
C LEU A 30 -3.76 -6.28 14.43
N ARG A 31 -3.33 -7.12 13.48
CA ARG A 31 -1.91 -7.25 13.19
C ARG A 31 -1.41 -5.97 12.53
N ALA A 32 -2.19 -5.45 11.60
CA ALA A 32 -1.83 -4.23 10.88
C ALA A 32 -1.60 -3.06 11.83
N ILE A 33 -2.44 -2.93 12.85
CA ILE A 33 -2.30 -1.83 13.78
C ILE A 33 -1.24 -2.04 14.87
N GLY A 34 -0.58 -3.19 14.86
CA GLY A 34 0.48 -3.41 15.84
C GLY A 34 0.46 -4.60 16.77
N TYR A 35 -0.63 -5.36 16.80
CA TYR A 35 -0.70 -6.54 17.69
C TYR A 35 -0.29 -7.81 16.97
N ASN A 36 -0.02 -8.86 17.75
CA ASN A 36 0.37 -10.17 17.19
C ASN A 36 -0.50 -11.27 17.81
N PRO A 37 -1.82 -11.18 17.63
CA PRO A 37 -2.69 -12.21 18.19
C PRO A 37 -2.64 -13.52 17.44
N THR A 38 -3.02 -14.60 18.14
CA THR A 38 -3.09 -15.91 17.52
C THR A 38 -4.46 -15.91 16.87
N ASN A 39 -4.67 -16.78 15.90
CA ASN A 39 -5.97 -16.83 15.25
C ASN A 39 -7.02 -17.22 16.30
N GLN A 40 -6.61 -18.00 17.28
CA GLN A 40 -7.51 -18.45 18.33
C GLN A 40 -8.04 -17.32 19.20
N LEU A 41 -7.15 -16.42 19.61
CA LEU A 41 -7.57 -15.28 20.42
C LEU A 41 -8.60 -14.47 19.65
N VAL A 42 -8.39 -14.32 18.35
CA VAL A 42 -9.31 -13.55 17.52
C VAL A 42 -10.70 -14.21 17.50
N GLN A 43 -10.74 -15.54 17.40
CA GLN A 43 -12.01 -16.24 17.39
C GLN A 43 -12.70 -16.15 18.76
N ASP A 44 -11.92 -16.27 19.83
CA ASP A 44 -12.48 -16.19 21.17
C ASP A 44 -13.11 -14.83 21.38
N ILE A 45 -12.47 -13.78 20.86
CA ILE A 45 -13.00 -12.44 20.99
C ILE A 45 -14.34 -12.34 20.26
N ILE A 46 -14.39 -12.86 19.03
CA ILE A 46 -15.61 -12.83 18.22
C ILE A 46 -16.75 -13.67 18.81
N ASN A 47 -16.44 -14.90 19.20
CA ASN A 47 -17.44 -15.81 19.76
C ASN A 47 -18.02 -15.41 21.10
N ALA A 48 -17.28 -14.58 21.85
CA ALA A 48 -17.72 -14.16 23.18
C ALA A 48 -18.76 -13.05 23.13
N ASP A 49 -18.76 -12.28 22.05
CA ASP A 49 -19.69 -11.17 21.89
C ASP A 49 -20.75 -11.50 20.84
N SER A 50 -22.00 -11.61 21.29
CA SER A 50 -23.12 -11.96 20.41
C SER A 50 -23.22 -11.03 19.19
N SER A 51 -23.03 -9.73 19.41
CA SER A 51 -23.11 -8.79 18.31
C SER A 51 -22.02 -9.11 17.28
N LEU A 52 -20.78 -9.30 17.74
CA LEU A 52 -19.66 -9.62 16.86
C LEU A 52 -19.89 -10.95 16.15
N ARG A 53 -20.24 -11.96 16.94
CA ARG A 53 -20.47 -13.30 16.44
C ARG A 53 -21.52 -13.36 15.31
N ASP A 54 -22.56 -12.55 15.43
CA ASP A 54 -23.62 -12.55 14.42
C ASP A 54 -23.36 -11.61 13.25
N ALA A 55 -22.38 -10.70 13.40
CA ALA A 55 -22.05 -9.74 12.37
C ALA A 55 -21.31 -10.34 11.18
N SER A 56 -21.50 -9.72 10.01
CA SER A 56 -20.85 -10.16 8.77
C SER A 56 -19.67 -9.23 8.49
N SER A 57 -19.77 -8.01 9.01
CA SER A 57 -18.73 -7.01 8.86
C SER A 57 -18.66 -6.23 10.16
N LEU A 58 -17.56 -5.50 10.37
CA LEU A 58 -17.38 -4.73 11.58
C LEU A 58 -16.97 -3.29 11.26
N THR A 59 -17.57 -2.34 11.96
CA THR A 59 -17.26 -0.94 11.76
C THR A 59 -16.04 -0.61 12.62
N LEU A 60 -15.41 0.52 12.34
CA LEU A 60 -14.25 0.93 13.14
C LEU A 60 -14.67 1.08 14.60
N ASP A 61 -15.87 1.62 14.82
CA ASP A 61 -16.39 1.80 16.18
C ASP A 61 -16.45 0.48 16.96
N GLN A 62 -16.95 -0.56 16.30
CA GLN A 62 -17.06 -1.89 16.93
C GLN A 62 -15.67 -2.43 17.25
N ILE A 63 -14.74 -2.24 16.32
CA ILE A 63 -13.38 -2.72 16.51
C ILE A 63 -12.70 -1.96 17.63
N THR A 64 -12.84 -0.64 17.64
CA THR A 64 -12.26 0.17 18.70
C THR A 64 -12.81 -0.33 20.03
N GLY A 65 -14.06 -0.79 20.01
CA GLY A 65 -14.70 -1.29 21.21
C GLY A 65 -14.12 -2.62 21.66
N LEU A 66 -13.85 -3.50 20.69
CA LEU A 66 -13.29 -4.81 20.98
C LEU A 66 -11.89 -4.68 21.54
N ILE A 67 -11.13 -3.73 21.00
CA ILE A 67 -9.75 -3.50 21.44
C ILE A 67 -9.77 -3.06 22.90
N GLU A 68 -10.65 -2.12 23.22
CA GLU A 68 -10.78 -1.62 24.59
C GLU A 68 -10.99 -2.81 25.53
N VAL A 69 -12.03 -3.58 25.24
CA VAL A 69 -12.38 -4.75 26.06
C VAL A 69 -11.25 -5.75 26.25
N ASN A 70 -10.54 -6.06 25.17
CA ASN A 70 -9.46 -7.05 25.23
C ASN A 70 -8.08 -6.44 25.15
N GLU A 71 -7.96 -5.20 25.61
CA GLU A 71 -6.69 -4.49 25.53
C GLU A 71 -5.52 -5.17 26.24
N LYS A 72 -5.76 -5.71 27.43
CA LYS A 72 -4.68 -6.37 28.17
C LYS A 72 -4.15 -7.59 27.43
N GLU A 73 -5.07 -8.40 26.90
CA GLU A 73 -4.69 -9.61 26.18
C GLU A 73 -3.97 -9.26 24.89
N LEU A 74 -4.43 -8.20 24.22
CA LEU A 74 -3.82 -7.78 22.97
C LEU A 74 -2.45 -7.17 23.20
N ASP A 75 -2.31 -6.37 24.26
CA ASP A 75 -1.04 -5.75 24.57
C ASP A 75 -0.01 -6.82 24.91
N ALA A 76 -0.48 -7.92 25.48
CA ALA A 76 0.41 -9.01 25.86
C ALA A 76 1.08 -9.65 24.62
N THR A 77 0.49 -9.46 23.44
CA THR A 77 1.04 -10.05 22.22
C THR A 77 2.19 -9.23 21.62
N THR A 78 2.53 -8.12 22.26
CA THR A 78 3.59 -7.26 21.75
C THR A 78 4.83 -7.26 22.65
N LYS A 79 4.95 -8.28 23.50
CA LYS A 79 6.04 -8.37 24.45
C LYS A 79 7.18 -9.34 24.13
N ALA A 80 7.11 -10.07 23.02
CA ALA A 80 8.16 -11.02 22.69
C ALA A 80 9.57 -10.42 22.69
N LYS A 81 10.55 -11.22 23.12
CA LYS A 81 11.94 -10.81 23.16
C LYS A 81 12.82 -11.79 22.38
N THR A 82 13.85 -11.25 21.74
CA THR A 82 14.76 -12.05 20.93
C THR A 82 15.10 -13.40 21.58
N GLU A 83 15.43 -13.38 22.86
CA GLU A 83 15.79 -14.59 23.57
C GLU A 83 14.70 -15.66 23.63
N ASP A 84 13.44 -15.25 23.47
CA ASP A 84 12.34 -16.22 23.52
C ASP A 84 12.37 -17.23 22.38
N PHE A 85 13.18 -16.98 21.36
CA PHE A 85 13.23 -17.89 20.22
C PHE A 85 14.61 -18.49 19.93
N VAL A 86 15.62 -18.05 20.68
CA VAL A 86 16.97 -18.55 20.48
C VAL A 86 17.06 -20.07 20.48
N LYS A 87 16.43 -20.71 21.45
CA LYS A 87 16.47 -22.15 21.55
C LYS A 87 15.76 -22.86 20.41
N ALA A 88 14.72 -22.24 19.86
CA ALA A 88 14.00 -22.84 18.75
C ALA A 88 14.96 -22.99 17.56
N PHE A 89 15.75 -21.96 17.29
CA PHE A 89 16.71 -22.01 16.19
C PHE A 89 17.90 -22.93 16.50
N GLN A 90 18.17 -23.13 17.78
CA GLN A 90 19.28 -23.99 18.20
C GLN A 90 19.13 -25.38 17.60
N VAL A 91 17.90 -25.84 17.50
CA VAL A 91 17.59 -27.15 16.93
C VAL A 91 18.16 -27.28 15.51
N PHE A 92 18.31 -26.15 14.82
CA PHE A 92 18.83 -26.16 13.46
C PHE A 92 20.20 -25.50 13.34
N ASP A 93 20.80 -25.21 14.48
CA ASP A 93 22.13 -24.59 14.53
C ASP A 93 22.86 -25.12 15.76
N LYS A 94 22.95 -26.44 15.85
CA LYS A 94 23.58 -27.10 16.98
C LYS A 94 25.05 -26.71 17.20
N GLU A 95 25.68 -26.13 16.19
CA GLU A 95 27.06 -25.70 16.31
C GLU A 95 27.16 -24.22 16.63
N SER A 96 26.04 -23.64 17.01
CA SER A 96 25.96 -22.23 17.38
C SER A 96 26.70 -21.27 16.44
N THR A 97 26.40 -21.36 15.15
CA THR A 97 27.03 -20.48 14.18
C THR A 97 26.25 -19.17 14.14
N GLY A 98 25.06 -19.19 14.73
CA GLY A 98 24.22 -18.01 14.75
C GLY A 98 23.52 -17.84 13.42
N LYS A 99 23.60 -18.87 12.59
CA LYS A 99 22.97 -18.82 11.29
C LYS A 99 22.18 -20.08 10.97
N VAL A 100 21.19 -19.93 10.09
N VAL A 100 21.19 -19.93 10.10
CA VAL A 100 20.35 -21.04 9.67
CA VAL A 100 20.34 -21.03 9.67
C VAL A 100 20.08 -20.85 8.17
C VAL A 100 20.06 -20.85 8.18
N SER A 101 19.93 -21.95 7.46
CA SER A 101 19.67 -21.88 6.03
C SER A 101 18.19 -21.55 5.82
N VAL A 102 17.87 -20.99 4.66
N VAL A 102 17.87 -20.99 4.66
CA VAL A 102 16.49 -20.65 4.35
CA VAL A 102 16.50 -20.65 4.34
C VAL A 102 15.66 -21.93 4.41
C VAL A 102 15.65 -21.92 4.39
N GLY A 103 16.25 -23.03 3.98
CA GLY A 103 15.55 -24.31 4.00
C GLY A 103 15.08 -24.70 5.39
N ASP A 104 15.95 -24.57 6.39
CA ASP A 104 15.58 -24.92 7.75
C ASP A 104 14.56 -23.95 8.34
N LEU A 105 14.64 -22.68 7.95
CA LEU A 105 13.69 -21.70 8.43
C LEU A 105 12.31 -22.10 7.91
N ARG A 106 12.24 -22.42 6.63
CA ARG A 106 10.98 -22.81 6.02
C ARG A 106 10.42 -24.06 6.68
N TYR A 107 11.31 -25.02 6.97
CA TYR A 107 10.90 -26.26 7.61
C TYR A 107 10.28 -25.99 8.99
N MET A 108 10.95 -25.15 9.76
CA MET A 108 10.47 -24.81 11.10
C MET A 108 9.14 -24.06 11.06
N LEU A 109 9.04 -23.11 10.15
CA LEU A 109 7.84 -22.29 10.05
C LEU A 109 6.64 -23.00 9.41
N THR A 110 6.91 -23.87 8.45
CA THR A 110 5.82 -24.56 7.76
C THR A 110 5.54 -25.99 8.23
N GLY A 111 6.50 -26.61 8.91
CA GLY A 111 6.28 -27.98 9.35
C GLY A 111 6.05 -28.16 10.83
N LEU A 112 6.36 -27.14 11.61
CA LEU A 112 6.19 -27.19 13.06
C LEU A 112 5.24 -26.13 13.59
N GLY A 113 4.92 -26.21 14.88
CA GLY A 113 4.02 -25.27 15.52
C GLY A 113 2.72 -25.04 14.76
N GLU A 114 2.28 -23.78 14.73
CA GLU A 114 1.05 -23.40 14.01
C GLU A 114 1.49 -23.15 12.57
N LYS A 115 1.67 -24.23 11.83
CA LYS A 115 2.15 -24.19 10.45
C LYS A 115 1.73 -23.02 9.58
N LEU A 116 2.72 -22.30 9.06
CA LEU A 116 2.47 -21.17 8.16
C LEU A 116 2.56 -21.77 6.76
N THR A 117 2.03 -21.09 5.76
CA THR A 117 2.09 -21.59 4.39
C THR A 117 3.39 -21.17 3.75
N ASP A 118 3.71 -21.78 2.61
CA ASP A 118 4.91 -21.40 1.89
C ASP A 118 4.77 -19.96 1.39
N ALA A 119 3.55 -19.56 1.05
CA ALA A 119 3.29 -18.20 0.57
C ALA A 119 3.62 -17.19 1.67
N GLU A 120 3.26 -17.54 2.91
CA GLU A 120 3.54 -16.66 4.03
C GLU A 120 5.04 -16.53 4.25
N VAL A 121 5.74 -17.66 4.14
CA VAL A 121 7.18 -17.65 4.32
C VAL A 121 7.84 -16.84 3.19
N ASP A 122 7.34 -17.02 1.97
CA ASP A 122 7.91 -16.27 0.86
C ASP A 122 7.70 -14.76 1.02
N GLU A 123 6.52 -14.37 1.51
CA GLU A 123 6.23 -12.95 1.72
C GLU A 123 7.18 -12.46 2.81
N LEU A 124 7.33 -13.28 3.86
CA LEU A 124 8.24 -12.96 4.95
C LEU A 124 9.67 -12.74 4.44
N LEU A 125 10.14 -13.67 3.60
CA LEU A 125 11.51 -13.58 3.08
C LEU A 125 11.81 -12.29 2.31
N LYS A 126 10.77 -11.63 1.79
CA LYS A 126 10.97 -10.38 1.05
C LYS A 126 11.52 -9.28 1.97
N GLY A 127 11.20 -9.37 3.25
CA GLY A 127 11.66 -8.38 4.20
C GLY A 127 12.77 -8.87 5.12
N VAL A 128 13.31 -10.04 4.78
CA VAL A 128 14.39 -10.65 5.56
C VAL A 128 15.71 -10.60 4.79
N GLU A 129 16.80 -10.43 5.53
CA GLU A 129 18.11 -10.37 4.91
C GLU A 129 18.69 -11.77 4.76
N VAL A 130 18.78 -12.24 3.52
CA VAL A 130 19.35 -13.55 3.23
C VAL A 130 20.61 -13.30 2.40
N ASP A 131 21.75 -13.79 2.89
CA ASP A 131 23.00 -13.57 2.17
C ASP A 131 23.08 -14.42 0.89
N SER A 132 24.16 -14.24 0.13
CA SER A 132 24.36 -14.96 -1.13
C SER A 132 24.57 -16.45 -0.90
N ASN A 133 24.78 -16.81 0.36
CA ASN A 133 25.00 -18.20 0.73
C ASN A 133 23.69 -18.87 1.10
N GLY A 134 22.60 -18.13 0.96
CA GLY A 134 21.29 -18.65 1.29
C GLY A 134 21.12 -18.91 2.78
N GLU A 135 21.81 -18.13 3.61
CA GLU A 135 21.69 -18.32 5.05
C GLU A 135 21.25 -17.05 5.78
N ILE A 136 20.64 -17.23 6.93
CA ILE A 136 20.13 -16.11 7.71
C ILE A 136 20.72 -16.02 9.11
N ASP A 137 21.15 -14.79 9.46
CA ASP A 137 21.57 -14.52 10.81
C ASP A 137 20.29 -14.49 11.60
N TYR A 138 20.02 -15.49 12.45
CA TYR A 138 18.69 -15.49 13.07
C TYR A 138 18.48 -14.48 14.19
N LYS A 139 19.57 -13.97 14.76
CA LYS A 139 19.43 -12.96 15.81
C LYS A 139 18.93 -11.68 15.14
N LYS A 140 19.49 -11.34 13.98
CA LYS A 140 19.06 -10.15 13.25
C LYS A 140 17.64 -10.36 12.75
N PHE A 141 17.38 -11.57 12.25
CA PHE A 141 16.06 -11.93 11.74
C PHE A 141 15.00 -11.68 12.82
N ILE A 142 15.22 -12.24 14.01
CA ILE A 142 14.29 -12.07 15.12
C ILE A 142 14.09 -10.59 15.42
N GLU A 143 15.18 -9.82 15.43
CA GLU A 143 15.11 -8.39 15.71
C GLU A 143 14.23 -7.66 14.71
N ASP A 144 14.38 -7.99 13.43
CA ASP A 144 13.58 -7.35 12.38
C ASP A 144 12.11 -7.72 12.54
N VAL A 145 11.86 -8.98 12.84
CA VAL A 145 10.49 -9.46 13.02
C VAL A 145 9.80 -8.72 14.17
N LEU A 146 10.50 -8.61 15.29
CA LEU A 146 9.96 -7.95 16.48
C LEU A 146 9.99 -6.43 16.37
N ARG A 147 10.81 -5.94 15.43
CA ARG A 147 10.99 -4.51 15.19
C ARG A 147 9.69 -3.76 14.91
N GLN A 148 9.37 -2.83 15.79
CA GLN A 148 8.17 -2.01 15.66
C GLN A 148 8.09 -1.03 16.83
N ARG B 4 -17.13 18.35 -15.81
CA ARG B 4 -16.13 19.26 -16.44
C ARG B 4 -16.14 19.08 -17.95
N ALA B 5 -16.97 18.17 -18.44
CA ALA B 5 -17.08 17.93 -19.87
C ALA B 5 -17.03 19.27 -20.58
N ASN B 6 -16.17 19.38 -21.57
CA ASN B 6 -16.03 20.63 -22.30
C ASN B 6 -15.87 20.38 -23.79
N LYS B 7 -16.78 20.96 -24.57
CA LYS B 7 -16.78 20.82 -26.02
C LYS B 7 -15.57 21.45 -26.68
N ASP B 8 -15.17 22.62 -26.21
CA ASP B 8 -14.03 23.30 -26.80
C ASP B 8 -12.75 22.47 -26.66
N ILE B 9 -12.58 21.83 -25.52
CA ILE B 9 -11.41 20.99 -25.31
C ILE B 9 -11.52 19.77 -26.21
N PHE B 10 -12.72 19.22 -26.33
CA PHE B 10 -12.93 18.08 -27.20
C PHE B 10 -12.46 18.48 -28.60
N THR B 11 -12.90 19.66 -29.05
CA THR B 11 -12.54 20.17 -30.37
C THR B 11 -11.03 20.20 -30.57
N LEU B 12 -10.31 20.67 -29.55
CA LEU B 12 -8.85 20.74 -29.62
C LEU B 12 -8.26 19.34 -29.83
N PHE B 13 -8.85 18.34 -29.16
CA PHE B 13 -8.40 16.96 -29.28
C PHE B 13 -8.77 16.36 -30.63
N ASP B 14 -9.92 16.77 -31.16
CA ASP B 14 -10.38 16.27 -32.45
C ASP B 14 -9.73 17.05 -33.60
N LYS B 15 -8.43 16.87 -33.74
CA LYS B 15 -7.64 17.55 -34.76
C LYS B 15 -8.06 17.29 -36.21
N LYS B 16 -8.98 16.34 -36.39
CA LYS B 16 -9.47 16.02 -37.73
C LYS B 16 -10.89 16.54 -37.96
N GLY B 17 -11.50 17.05 -36.90
CA GLY B 17 -12.86 17.56 -37.00
C GLY B 17 -13.82 16.45 -37.38
N GLN B 18 -13.41 15.22 -37.13
CA GLN B 18 -14.21 14.04 -37.46
C GLN B 18 -15.30 13.75 -36.43
N GLY B 19 -15.41 14.60 -35.41
CA GLY B 19 -16.41 14.42 -34.38
C GLY B 19 -16.18 13.26 -33.42
N ALA B 20 -14.95 12.78 -33.36
CA ALA B 20 -14.62 11.66 -32.47
C ALA B 20 -13.11 11.59 -32.26
N ILE B 21 -12.70 11.19 -31.06
CA ILE B 21 -11.28 11.09 -30.75
C ILE B 21 -10.94 9.66 -30.36
N ALA B 22 -9.69 9.26 -30.60
CA ALA B 22 -9.25 7.91 -30.26
C ALA B 22 -9.64 7.53 -28.84
N LYS B 23 -10.12 6.30 -28.67
CA LYS B 23 -10.52 5.82 -27.36
C LYS B 23 -9.32 5.84 -26.41
N ASP B 24 -8.13 5.64 -26.98
CA ASP B 24 -6.90 5.62 -26.19
C ASP B 24 -6.54 7.02 -25.68
N SER B 25 -7.20 8.03 -26.23
N SER B 25 -7.18 8.04 -26.22
CA SER B 25 -6.95 9.42 -25.84
CA SER B 25 -6.91 9.41 -25.82
C SER B 25 -7.94 9.88 -24.79
C SER B 25 -7.92 9.87 -24.76
N LEU B 26 -8.76 8.95 -24.29
CA LEU B 26 -9.76 9.28 -23.29
C LEU B 26 -9.15 9.80 -22.00
N GLY B 27 -8.09 9.12 -21.52
CA GLY B 27 -7.45 9.54 -20.29
C GLY B 27 -6.93 10.97 -20.33
N ASP B 28 -6.23 11.33 -21.40
CA ASP B 28 -5.68 12.69 -21.51
C ASP B 28 -6.77 13.74 -21.67
N TYR B 29 -7.91 13.35 -22.25
CA TYR B 29 -9.01 14.29 -22.40
C TYR B 29 -9.57 14.56 -21.02
N LEU B 30 -9.71 13.50 -20.22
CA LEU B 30 -10.24 13.67 -18.86
C LEU B 30 -9.30 14.54 -18.05
N ARG B 31 -8.01 14.43 -18.34
CA ARG B 31 -7.01 15.22 -17.64
C ARG B 31 -7.07 16.66 -18.15
N ALA B 32 -7.22 16.80 -19.46
CA ALA B 32 -7.29 18.11 -20.09
C ALA B 32 -8.42 18.95 -19.51
N ILE B 33 -9.58 18.32 -19.27
CA ILE B 33 -10.73 19.04 -18.72
C ILE B 33 -10.68 19.25 -17.20
N GLY B 34 -9.63 18.76 -16.56
CA GLY B 34 -9.53 18.99 -15.12
C GLY B 34 -9.46 17.84 -14.14
N TYR B 35 -9.76 16.61 -14.57
CA TYR B 35 -9.69 15.48 -13.65
C TYR B 35 -8.26 14.94 -13.58
N ASN B 36 -7.98 14.10 -12.60
CA ASN B 36 -6.66 13.51 -12.44
C ASN B 36 -6.85 12.02 -12.22
N PRO B 37 -7.49 11.34 -13.18
CA PRO B 37 -7.71 9.90 -13.04
C PRO B 37 -6.44 9.08 -13.20
N THR B 38 -6.41 7.92 -12.57
CA THR B 38 -5.28 7.03 -12.71
C THR B 38 -5.55 6.32 -14.02
N ASN B 39 -4.53 5.70 -14.59
CA ASN B 39 -4.74 5.00 -15.86
C ASN B 39 -5.70 3.83 -15.66
N GLN B 40 -5.69 3.25 -14.47
CA GLN B 40 -6.56 2.13 -14.15
C GLN B 40 -8.04 2.53 -14.18
N LEU B 41 -8.35 3.68 -13.60
CA LEU B 41 -9.73 4.16 -13.58
C LEU B 41 -10.23 4.42 -15.00
N VAL B 42 -9.36 4.97 -15.84
CA VAL B 42 -9.74 5.24 -17.22
C VAL B 42 -10.10 3.92 -17.91
N GLN B 43 -9.30 2.88 -17.67
CA GLN B 43 -9.57 1.58 -18.27
C GLN B 43 -10.87 0.97 -17.74
N ASP B 44 -11.11 1.08 -16.44
CA ASP B 44 -12.31 0.54 -15.84
C ASP B 44 -13.55 1.24 -16.41
N ILE B 45 -13.46 2.55 -16.54
CA ILE B 45 -14.55 3.35 -17.09
C ILE B 45 -14.92 2.83 -18.48
N ILE B 46 -13.91 2.66 -19.33
CA ILE B 46 -14.12 2.16 -20.68
C ILE B 46 -14.63 0.73 -20.67
N ASN B 47 -14.09 -0.08 -19.77
CA ASN B 47 -14.45 -1.49 -19.66
C ASN B 47 -15.83 -1.75 -19.05
N ALA B 48 -16.31 -0.84 -18.21
CA ALA B 48 -17.62 -1.01 -17.58
C ALA B 48 -18.76 -0.79 -18.57
N ASP B 49 -18.42 -0.33 -19.77
CA ASP B 49 -19.43 -0.09 -20.79
C ASP B 49 -19.23 -1.07 -21.93
N SER B 50 -19.99 -2.16 -21.90
CA SER B 50 -19.92 -3.21 -22.91
C SER B 50 -20.02 -2.68 -24.32
N SER B 51 -20.84 -1.65 -24.51
CA SER B 51 -21.06 -1.04 -25.82
C SER B 51 -19.78 -0.56 -26.51
N LEU B 52 -18.80 -0.12 -25.73
CA LEU B 52 -17.54 0.38 -26.28
C LEU B 52 -16.58 -0.74 -26.61
N ARG B 53 -16.93 -1.97 -26.22
CA ARG B 53 -16.10 -3.14 -26.44
C ARG B 53 -15.25 -3.09 -27.71
N ASP B 54 -15.89 -2.87 -28.86
CA ASP B 54 -15.16 -2.81 -30.12
C ASP B 54 -15.07 -1.40 -30.70
N ALA B 55 -15.39 -0.42 -29.87
CA ALA B 55 -15.35 0.98 -30.29
C ALA B 55 -13.89 1.40 -30.47
N SER B 56 -13.61 2.06 -31.60
CA SER B 56 -12.26 2.51 -31.90
C SER B 56 -12.09 3.97 -31.47
N SER B 57 -13.19 4.72 -31.52
CA SER B 57 -13.18 6.13 -31.15
C SER B 57 -14.39 6.43 -30.28
N LEU B 58 -14.38 7.62 -29.67
CA LEU B 58 -15.48 8.05 -28.82
C LEU B 58 -15.93 9.45 -29.22
N THR B 59 -17.23 9.68 -29.20
CA THR B 59 -17.78 10.98 -29.55
C THR B 59 -17.95 11.78 -28.27
N LEU B 60 -18.22 13.07 -28.40
CA LEU B 60 -18.41 13.90 -27.22
C LEU B 60 -19.60 13.43 -26.42
N ASP B 61 -20.60 12.86 -27.10
CA ASP B 61 -21.79 12.35 -26.43
C ASP B 61 -21.46 11.15 -25.55
N GLN B 62 -20.71 10.21 -26.11
CA GLN B 62 -20.32 9.01 -25.37
C GLN B 62 -19.45 9.40 -24.18
N ILE B 63 -18.42 10.21 -24.44
CA ILE B 63 -17.53 10.66 -23.38
C ILE B 63 -18.34 11.34 -22.28
N THR B 64 -19.25 12.23 -22.67
CA THR B 64 -20.08 12.95 -21.72
C THR B 64 -20.88 11.97 -20.84
N GLY B 65 -21.37 10.89 -21.43
CA GLY B 65 -22.13 9.91 -20.67
C GLY B 65 -21.26 9.21 -19.63
N LEU B 66 -20.04 8.87 -20.02
CA LEU B 66 -19.10 8.19 -19.12
C LEU B 66 -18.71 9.09 -17.95
N ILE B 67 -18.63 10.39 -18.21
CA ILE B 67 -18.28 11.35 -17.18
C ILE B 67 -19.41 11.42 -16.15
N GLU B 68 -20.65 11.37 -16.63
CA GLU B 68 -21.82 11.44 -15.74
C GLU B 68 -21.93 10.19 -14.86
N VAL B 69 -21.83 9.03 -15.49
CA VAL B 69 -21.91 7.75 -14.77
C VAL B 69 -20.82 7.63 -13.71
N ASN B 70 -19.63 8.10 -14.04
CA ASN B 70 -18.50 8.04 -13.12
C ASN B 70 -18.13 9.39 -12.53
N GLU B 71 -19.09 10.30 -12.48
N GLU B 71 -19.09 10.30 -12.48
CA GLU B 71 -18.87 11.64 -11.95
CA GLU B 71 -18.88 11.64 -11.95
C GLU B 71 -18.25 11.61 -10.55
C GLU B 71 -18.25 11.62 -10.56
N LYS B 72 -18.84 10.83 -9.66
CA LYS B 72 -18.37 10.71 -8.29
C LYS B 72 -16.88 10.41 -8.14
N GLU B 73 -16.41 9.32 -8.75
CA GLU B 73 -15.00 8.95 -8.67
C GLU B 73 -14.09 9.96 -9.35
N LEU B 74 -14.52 10.47 -10.50
CA LEU B 74 -13.73 11.45 -11.21
C LEU B 74 -13.55 12.70 -10.37
N ASP B 75 -14.62 13.13 -9.69
CA ASP B 75 -14.57 14.31 -8.85
C ASP B 75 -13.59 14.14 -7.70
N ALA B 76 -13.53 12.93 -7.15
CA ALA B 76 -12.63 12.65 -6.05
C ALA B 76 -11.16 12.89 -6.47
N THR B 77 -10.84 12.67 -7.74
CA THR B 77 -9.48 12.87 -8.20
C THR B 77 -9.07 14.35 -8.18
N THR B 78 -10.00 15.22 -7.81
CA THR B 78 -9.69 16.66 -7.77
C THR B 78 -9.70 17.25 -6.36
N LYS B 79 -10.28 16.52 -5.41
CA LYS B 79 -10.38 16.98 -4.03
C LYS B 79 -9.04 17.15 -3.31
N ALA B 80 -8.18 16.13 -3.39
CA ALA B 80 -6.88 16.16 -2.74
C ALA B 80 -6.08 17.44 -2.96
N LYS B 81 -5.53 17.96 -1.87
CA LYS B 81 -4.73 19.18 -1.93
C LYS B 81 -3.27 18.80 -1.75
N THR B 82 -2.38 19.77 -1.92
CA THR B 82 -0.94 19.54 -1.78
C THR B 82 -0.56 18.92 -0.44
N GLU B 83 -1.17 19.37 0.66
CA GLU B 83 -0.85 18.82 1.97
C GLU B 83 -1.19 17.33 2.08
N ASP B 84 -2.14 16.87 1.28
CA ASP B 84 -2.52 15.47 1.31
C ASP B 84 -1.43 14.57 0.75
N PHE B 85 -0.78 15.01 -0.31
CA PHE B 85 0.30 14.22 -0.89
C PHE B 85 1.50 14.18 0.05
N VAL B 86 1.78 15.32 0.67
CA VAL B 86 2.88 15.41 1.61
C VAL B 86 2.66 14.45 2.77
N LYS B 87 1.43 14.41 3.26
CA LYS B 87 1.08 13.53 4.36
C LYS B 87 1.26 12.07 3.94
N ALA B 88 0.74 11.72 2.77
CA ALA B 88 0.85 10.35 2.29
C ALA B 88 2.30 9.97 1.99
N PHE B 89 3.13 10.95 1.65
CA PHE B 89 4.52 10.66 1.32
C PHE B 89 5.33 10.22 2.55
N GLN B 90 4.80 10.46 3.74
CA GLN B 90 5.51 10.08 4.96
C GLN B 90 5.81 8.58 5.06
N VAL B 91 5.08 7.75 4.31
CA VAL B 91 5.34 6.32 4.36
C VAL B 91 6.77 6.05 3.85
N PHE B 92 7.31 6.96 3.07
CA PHE B 92 8.67 6.81 2.55
C PHE B 92 9.70 7.53 3.42
N ASP B 93 9.23 8.08 4.53
CA ASP B 93 10.08 8.80 5.48
C ASP B 93 9.57 8.59 6.90
N LYS B 94 9.86 7.42 7.46
CA LYS B 94 9.40 7.07 8.80
C LYS B 94 10.12 7.88 9.88
N GLU B 95 11.39 8.18 9.66
CA GLU B 95 12.17 8.95 10.61
C GLU B 95 11.64 10.38 10.64
N SER B 96 10.65 10.62 9.78
CA SER B 96 10.03 11.94 9.68
C SER B 96 11.08 13.02 9.49
N THR B 97 12.22 12.64 8.93
CA THR B 97 13.30 13.59 8.68
C THR B 97 12.86 14.66 7.70
N GLY B 98 11.71 14.45 7.06
CA GLY B 98 11.21 15.41 6.09
C GLY B 98 12.00 15.31 4.80
N LYS B 99 12.93 14.36 4.75
CA LYS B 99 13.76 14.17 3.56
C LYS B 99 13.63 12.78 2.97
N VAL B 100 13.96 12.66 1.69
CA VAL B 100 13.91 11.38 0.99
C VAL B 100 15.08 11.35 0.02
N SER B 101 15.75 10.20 -0.09
CA SER B 101 16.87 10.11 -1.01
C SER B 101 16.31 10.18 -2.43
N VAL B 102 17.07 10.79 -3.34
CA VAL B 102 16.64 10.90 -4.72
C VAL B 102 16.46 9.50 -5.26
N GLY B 103 17.22 8.55 -4.69
CA GLY B 103 17.14 7.17 -5.10
C GLY B 103 15.78 6.58 -4.78
N ASP B 104 15.31 6.78 -3.56
CA ASP B 104 14.00 6.29 -3.16
C ASP B 104 12.89 7.00 -3.93
N LEU B 105 13.08 8.29 -4.19
CA LEU B 105 12.07 9.04 -4.93
C LEU B 105 11.94 8.50 -6.35
N ARG B 106 13.08 8.29 -7.02
CA ARG B 106 13.06 7.77 -8.38
C ARG B 106 12.44 6.38 -8.38
N TYR B 107 12.72 5.60 -7.35
CA TYR B 107 12.18 4.25 -7.27
C TYR B 107 10.66 4.22 -7.17
N MET B 108 10.09 5.02 -6.27
CA MET B 108 8.65 5.01 -6.13
C MET B 108 7.94 5.61 -7.35
N LEU B 109 8.61 6.54 -8.03
CA LEU B 109 8.00 7.14 -9.22
C LEU B 109 8.11 6.23 -10.46
N THR B 110 9.24 5.53 -10.60
CA THR B 110 9.45 4.66 -11.75
C THR B 110 9.30 3.16 -11.46
N GLY B 111 9.26 2.79 -10.19
CA GLY B 111 9.16 1.37 -9.86
C GLY B 111 7.87 0.90 -9.23
N LEU B 112 7.05 1.83 -8.75
CA LEU B 112 5.78 1.46 -8.12
C LEU B 112 4.61 2.09 -8.85
N GLY B 113 3.42 1.56 -8.58
CA GLY B 113 2.20 2.08 -9.18
C GLY B 113 2.20 2.16 -10.68
N GLU B 114 1.67 3.26 -11.22
CA GLU B 114 1.62 3.45 -12.66
C GLU B 114 2.90 4.20 -13.04
N LYS B 115 3.97 3.43 -13.06
CA LYS B 115 5.33 3.88 -13.34
C LYS B 115 5.52 5.00 -14.35
N LEU B 116 6.36 5.96 -13.99
CA LEU B 116 6.71 7.05 -14.90
C LEU B 116 8.03 6.58 -15.50
N THR B 117 8.44 7.18 -16.62
CA THR B 117 9.68 6.78 -17.25
C THR B 117 10.83 7.50 -16.56
N ASP B 118 12.05 6.99 -16.73
CA ASP B 118 13.19 7.66 -16.11
C ASP B 118 13.31 9.06 -16.69
N ALA B 119 12.92 9.22 -17.94
CA ALA B 119 12.99 10.51 -18.61
C ALA B 119 12.04 11.54 -17.99
N GLU B 120 10.85 11.10 -17.59
CA GLU B 120 9.89 12.00 -16.97
C GLU B 120 10.40 12.42 -15.60
N VAL B 121 11.01 11.47 -14.90
CA VAL B 121 11.55 11.74 -13.58
C VAL B 121 12.77 12.66 -13.68
N ASP B 122 13.64 12.41 -14.66
CA ASP B 122 14.82 13.28 -14.82
C ASP B 122 14.35 14.72 -14.97
N GLU B 123 13.26 14.91 -15.72
CA GLU B 123 12.72 16.24 -15.95
C GLU B 123 12.21 16.87 -14.66
N LEU B 124 11.51 16.09 -13.85
CA LEU B 124 10.98 16.59 -12.57
C LEU B 124 12.11 16.97 -11.62
N LEU B 125 13.23 16.27 -11.72
CA LEU B 125 14.37 16.54 -10.86
C LEU B 125 15.26 17.68 -11.36
N LYS B 126 14.90 18.24 -12.51
CA LYS B 126 15.67 19.37 -13.05
C LYS B 126 15.48 20.58 -12.16
N GLY B 127 16.57 21.08 -11.60
CA GLY B 127 16.48 22.25 -10.75
C GLY B 127 16.19 21.93 -9.29
N VAL B 128 15.63 20.76 -9.04
CA VAL B 128 15.32 20.36 -7.67
C VAL B 128 16.62 20.24 -6.89
N GLU B 129 16.67 20.89 -5.74
CA GLU B 129 17.85 20.90 -4.90
C GLU B 129 18.08 19.57 -4.17
N VAL B 130 19.30 19.07 -4.28
CA VAL B 130 19.70 17.83 -3.62
C VAL B 130 20.90 18.12 -2.71
N ASP B 131 20.77 17.82 -1.43
CA ASP B 131 21.83 18.08 -0.46
C ASP B 131 22.99 17.08 -0.53
N SER B 132 24.01 17.32 0.28
N SER B 132 24.01 17.32 0.28
CA SER B 132 25.19 16.45 0.31
CA SER B 132 25.19 16.46 0.32
C SER B 132 24.83 15.00 0.60
C SER B 132 24.85 15.01 0.62
N ASN B 133 23.84 14.79 1.47
CA ASN B 133 23.42 13.44 1.81
C ASN B 133 22.66 12.81 0.65
N GLY B 134 22.46 13.58 -0.41
CA GLY B 134 21.74 13.07 -1.58
C GLY B 134 20.25 12.96 -1.34
N GLU B 135 19.71 13.82 -0.49
CA GLU B 135 18.29 13.81 -0.18
C GLU B 135 17.61 15.07 -0.69
N ILE B 136 16.29 15.01 -0.81
N ILE B 136 16.29 15.02 -0.83
CA ILE B 136 15.50 16.14 -1.28
CA ILE B 136 15.54 16.19 -1.27
C ILE B 136 14.35 16.41 -0.32
C ILE B 136 14.36 16.42 -0.34
N ASP B 137 13.93 17.67 -0.22
CA ASP B 137 12.82 18.04 0.64
C ASP B 137 11.57 17.68 -0.16
N TYR B 138 10.93 16.57 0.19
CA TYR B 138 9.77 16.13 -0.57
C TYR B 138 8.55 17.04 -0.51
N LYS B 139 8.40 17.80 0.58
CA LYS B 139 7.28 18.70 0.70
C LYS B 139 7.41 19.80 -0.37
N LYS B 140 8.62 20.34 -0.50
CA LYS B 140 8.88 21.38 -1.49
C LYS B 140 8.78 20.79 -2.88
N PHE B 141 9.30 19.57 -3.05
CA PHE B 141 9.23 18.89 -4.33
C PHE B 141 7.77 18.72 -4.78
N ILE B 142 6.96 18.12 -3.91
CA ILE B 142 5.55 17.92 -4.21
C ILE B 142 4.89 19.26 -4.52
N GLU B 143 5.15 20.24 -3.67
CA GLU B 143 4.59 21.58 -3.86
C GLU B 143 4.98 22.14 -5.22
N ASP B 144 6.26 22.08 -5.55
CA ASP B 144 6.77 22.59 -6.81
C ASP B 144 6.26 21.85 -8.05
N VAL B 145 5.78 20.62 -7.86
CA VAL B 145 5.27 19.83 -8.98
C VAL B 145 3.80 20.12 -9.26
N LEU B 146 3.04 20.41 -8.20
CA LEU B 146 1.62 20.68 -8.33
C LEU B 146 1.27 22.17 -8.44
N ARG B 147 1.79 22.98 -7.52
CA ARG B 147 1.52 24.41 -7.50
C ARG B 147 1.71 25.08 -8.86
N GLN B 148 2.56 24.48 -9.70
CA GLN B 148 2.83 25.04 -11.02
C GLN B 148 1.55 25.55 -11.69
N GLN C 1 9.80 -29.38 23.50
CA GLN C 1 10.15 -28.24 24.39
C GLN C 1 10.34 -26.95 23.61
N ILE C 2 10.17 -27.02 22.29
CA ILE C 2 10.34 -25.87 21.43
C ILE C 2 9.07 -25.44 20.70
N SER C 3 7.99 -26.17 20.88
CA SER C 3 6.73 -25.86 20.21
C SER C 3 6.15 -24.50 20.62
N GLN C 4 6.31 -24.16 21.90
CA GLN C 4 5.80 -22.90 22.41
C GLN C 4 6.49 -21.71 21.75
N ALA C 5 7.81 -21.74 21.73
CA ALA C 5 8.60 -20.68 21.14
C ALA C 5 8.30 -20.55 19.65
N ILE C 6 8.20 -21.68 18.96
CA ILE C 6 7.91 -21.68 17.54
C ILE C 6 6.56 -21.01 17.27
N LYS C 7 5.54 -21.38 18.03
CA LYS C 7 4.21 -20.81 17.86
C LYS C 7 4.24 -19.30 18.10
N TYR C 8 4.95 -18.88 19.14
N TYR C 8 4.98 -18.91 19.14
CA TYR C 8 5.05 -17.46 19.44
CA TYR C 8 5.14 -17.51 19.52
C TYR C 8 5.73 -16.74 18.28
C TYR C 8 5.77 -16.74 18.35
N LEU C 9 6.81 -17.34 17.76
CA LEU C 9 7.51 -16.75 16.64
C LEU C 9 6.58 -16.64 15.45
N GLN C 10 5.82 -17.70 15.17
CA GLN C 10 4.90 -17.70 14.05
C GLN C 10 3.84 -16.60 14.19
N ASN C 11 3.40 -16.34 15.43
CA ASN C 11 2.39 -15.29 15.65
C ASN C 11 3.01 -13.94 15.34
N ASN C 12 4.25 -13.75 15.76
CA ASN C 12 4.93 -12.48 15.50
C ASN C 12 5.24 -12.33 14.03
N ILE C 13 5.51 -13.45 13.36
CA ILE C 13 5.79 -13.42 11.94
C ILE C 13 4.53 -13.02 11.17
N LYS C 14 3.37 -13.52 11.58
CA LYS C 14 2.13 -13.14 10.92
C LYS C 14 1.89 -11.64 11.08
N GLY C 15 2.18 -11.10 12.26
CA GLY C 15 2.01 -9.67 12.49
C GLY C 15 2.97 -8.91 11.58
N PHE C 16 4.20 -9.38 11.50
CA PHE C 16 5.22 -8.76 10.66
C PHE C 16 4.82 -8.73 9.19
N ILE C 17 4.29 -9.85 8.70
CA ILE C 17 3.88 -9.96 7.30
C ILE C 17 2.76 -8.99 6.95
N ILE C 18 1.74 -8.91 7.79
CA ILE C 18 0.63 -8.02 7.51
C ILE C 18 1.08 -6.58 7.49
N ARG C 19 1.88 -6.19 8.49
CA ARG C 19 2.37 -4.82 8.56
C ARG C 19 3.24 -4.48 7.35
N GLN C 20 4.02 -5.44 6.88
CA GLN C 20 4.87 -5.23 5.72
C GLN C 20 3.96 -5.06 4.50
N ARG C 21 2.96 -5.93 4.41
CA ARG C 21 2.03 -5.89 3.30
C ARG C 21 1.31 -4.55 3.24
N VAL C 22 0.82 -4.09 4.38
CA VAL C 22 0.11 -2.82 4.48
C VAL C 22 1.02 -1.66 4.10
N ASN C 23 2.25 -1.69 4.61
CA ASN C 23 3.23 -0.65 4.33
C ASN C 23 3.49 -0.58 2.83
N ASP C 24 3.64 -1.74 2.19
CA ASP C 24 3.89 -1.77 0.76
C ASP C 24 2.68 -1.23 -0.01
N GLU C 25 1.47 -1.57 0.42
CA GLU C 25 0.27 -1.07 -0.24
C GLU C 25 0.20 0.45 -0.12
N MET C 26 0.56 0.96 1.05
CA MET C 26 0.54 2.41 1.26
C MET C 26 1.57 3.07 0.35
N LYS C 27 2.71 2.41 0.15
CA LYS C 27 3.73 2.97 -0.72
C LYS C 27 3.20 3.01 -2.15
N VAL C 28 2.59 1.91 -2.59
CA VAL C 28 2.04 1.84 -3.94
C VAL C 28 0.95 2.89 -4.14
N ASN C 29 0.05 3.01 -3.16
CA ASN C 29 -1.03 3.99 -3.24
C ASN C 29 -0.47 5.40 -3.33
N CYS C 30 0.56 5.69 -2.52
CA CYS C 30 1.17 7.01 -2.52
C CYS C 30 1.76 7.33 -3.90
N ALA C 31 2.51 6.38 -4.45
CA ALA C 31 3.12 6.55 -5.75
C ALA C 31 2.04 6.81 -6.80
N THR C 32 0.98 6.00 -6.73
CA THR C 32 -0.13 6.09 -7.69
C THR C 32 -0.88 7.43 -7.66
N LEU C 33 -1.19 7.92 -6.48
CA LEU C 33 -1.91 9.18 -6.38
C LEU C 33 -1.01 10.32 -6.86
N LEU C 34 0.28 10.22 -6.56
CA LEU C 34 1.22 11.24 -6.98
C LEU C 34 1.42 11.21 -8.50
N GLN C 35 1.51 10.02 -9.07
CA GLN C 35 1.68 9.89 -10.53
C GLN C 35 0.44 10.44 -11.25
N ALA C 36 -0.74 10.17 -10.72
CA ALA C 36 -1.97 10.65 -11.35
C ALA C 36 -2.00 12.17 -11.36
N ALA C 37 -1.59 12.79 -10.26
CA ALA C 37 -1.59 14.23 -10.15
C ALA C 37 -0.61 14.81 -11.16
N TYR C 38 0.55 14.17 -11.29
CA TYR C 38 1.58 14.60 -12.24
C TYR C 38 1.06 14.54 -13.68
N ARG C 39 0.43 13.43 -14.04
CA ARG C 39 -0.09 13.27 -15.39
C ARG C 39 -1.18 14.32 -15.68
N GLY C 40 -2.08 14.53 -14.73
CA GLY C 40 -3.13 15.51 -14.94
C GLY C 40 -2.53 16.88 -15.19
N HIS C 41 -1.66 17.31 -14.28
N HIS C 41 -1.68 17.34 -14.28
CA HIS C 41 -0.96 18.58 -14.36
CA HIS C 41 -1.03 18.65 -14.44
C HIS C 41 -0.17 18.72 -15.66
C HIS C 41 -0.20 18.72 -15.71
N SER C 42 0.57 17.67 -15.99
CA SER C 42 1.41 17.63 -17.20
C SER C 42 0.61 17.78 -18.50
N ILE C 43 -0.49 17.03 -18.62
CA ILE C 43 -1.33 17.09 -19.80
C ILE C 43 -1.87 18.51 -19.99
N ARG C 44 -2.43 19.07 -18.91
CA ARG C 44 -2.99 20.42 -18.96
C ARG C 44 -1.96 21.48 -19.32
N ALA C 45 -0.77 21.39 -18.72
CA ALA C 45 0.29 22.33 -19.00
C ALA C 45 0.63 22.30 -20.49
N ASN C 46 0.57 21.12 -21.07
CA ASN C 46 0.91 20.96 -22.48
C ASN C 46 -0.22 21.32 -23.44
N VAL C 47 -1.46 21.14 -23.01
CA VAL C 47 -2.60 21.46 -23.86
C VAL C 47 -2.83 22.98 -23.92
N PHE C 48 -2.65 23.64 -22.79
CA PHE C 48 -2.88 25.08 -22.73
C PHE C 48 -1.60 25.89 -22.74
#